data_6BYY
#
_entry.id   6BYY
#
_cell.length_a   77.350
_cell.length_b   77.760
_cell.length_c   106.310
_cell.angle_alpha   90.000
_cell.angle_beta   90.000
_cell.angle_gamma   90.000
#
_symmetry.space_group_name_H-M   'P 21 21 2'
#
loop_
_entity.id
_entity.type
_entity.pdbx_description
1 polymer 'MEF2 CHIMERA'
2 polymer "DNA (5'-D(P*AP*AP*CP*TP*AP*TP*TP*TP*AP*TP*AP*AP*GP*A)-3')"
3 polymer "DNA (5'-D(P*TP*TP*CP*TP*TP*AP*TP*AP*AP*AP*TP*AP*GP*TP*T)-3')"
4 non-polymer 2-(2-{2-[2-(2-METHOXY-ETHOXY)-ETHOXY]-ETHOXY}-ETHOXY)-ETHANOL
5 non-polymer "3,3',3''-phosphanetriyltripropanoic acid"
6 water water
#
loop_
_entity_poly.entity_id
_entity_poly.type
_entity_poly.pdbx_seq_one_letter_code
_entity_poly.pdbx_strand_id
1 'polypeptide(L)'
;MGRKKIQITRIMDERNRQVTFTKRKFGLMKKAYELSVLCDCEIALIIFNSSNKLFQYASTDMDKVLLKYTEYSEPHESRT
NTDILETLKRREHRG
;
A,B,C,D
2 'polydeoxyribonucleotide' (DA)(DA)(DC)(DT)(DA)(DT)(DT)(DT)(DA)(DT)(DA)(DA)(DG)(DA) K,E
3 'polydeoxyribonucleotide' (DT)(DT)(DC)(DT)(DT)(DA)(DT)(DA)(DA)(DA)(DT)(DA)(DG)(DT)(DT) L,F
#
# COMPACT_ATOMS: atom_id res chain seq x y z
N GLY A 2 -20.19 -29.97 11.46
CA GLY A 2 -21.34 -29.48 12.20
C GLY A 2 -22.40 -30.53 12.49
N ARG A 3 -23.47 -30.16 13.22
CA ARG A 3 -24.53 -31.11 13.53
C ARG A 3 -25.14 -31.67 12.24
N LYS A 4 -25.27 -30.84 11.21
CA LYS A 4 -25.70 -31.27 9.89
C LYS A 4 -24.71 -30.76 8.85
N LYS A 5 -24.67 -31.44 7.71
CA LYS A 5 -24.03 -30.84 6.56
C LYS A 5 -24.91 -29.73 6.05
N ILE A 6 -24.30 -28.63 5.61
CA ILE A 6 -25.03 -27.57 4.92
C ILE A 6 -24.55 -27.51 3.48
N GLN A 7 -25.48 -27.23 2.57
CA GLN A 7 -25.13 -26.95 1.19
C GLN A 7 -24.61 -25.53 1.10
N ILE A 8 -23.70 -25.31 0.15
CA ILE A 8 -23.13 -23.98 0.00
C ILE A 8 -24.07 -23.15 -0.86
N THR A 9 -25.10 -22.61 -0.22
CA THR A 9 -26.05 -21.70 -0.83
C THR A 9 -26.33 -20.58 0.18
N ARG A 10 -26.83 -19.46 -0.31
CA ARG A 10 -27.03 -18.29 0.54
C ARG A 10 -27.96 -18.61 1.71
N ILE A 11 -27.50 -18.33 2.92
CA ILE A 11 -28.31 -18.51 4.12
C ILE A 11 -29.39 -17.42 4.15
N MET A 12 -30.65 -17.83 4.16
CA MET A 12 -31.73 -16.88 3.93
C MET A 12 -32.25 -16.24 5.20
N ASP A 13 -32.30 -17.00 6.30
CA ASP A 13 -32.52 -16.42 7.62
C ASP A 13 -31.43 -15.41 7.94
N GLU A 14 -31.83 -14.16 8.18
CA GLU A 14 -30.87 -13.08 8.26
C GLU A 14 -30.01 -13.16 9.52
N ARG A 15 -30.57 -13.64 10.64
CA ARG A 15 -29.77 -13.73 11.86
C ARG A 15 -28.75 -14.85 11.76
N ASN A 16 -29.14 -15.99 11.20
CA ASN A 16 -28.21 -17.10 11.03
C ASN A 16 -27.08 -16.71 10.09
N ARG A 17 -27.43 -16.05 8.98
CA ARG A 17 -26.42 -15.58 8.04
C ARG A 17 -25.42 -14.66 8.74
N GLN A 18 -25.88 -13.81 9.64
CA GLN A 18 -24.97 -12.93 10.37
C GLN A 18 -24.10 -13.70 11.37
N VAL A 19 -24.64 -14.74 12.00
CA VAL A 19 -23.85 -15.53 12.94
C VAL A 19 -22.80 -16.35 12.22
N THR A 20 -23.22 -17.05 11.15
CA THR A 20 -22.29 -17.79 10.32
C THR A 20 -21.20 -16.90 9.74
N PHE A 21 -21.56 -15.66 9.38
CA PHE A 21 -20.58 -14.75 8.81
C PHE A 21 -19.50 -14.40 9.84
N THR A 22 -19.92 -14.01 11.05
CA THR A 22 -18.97 -13.65 12.09
C THR A 22 -18.06 -14.82 12.42
N LYS A 23 -18.63 -16.00 12.56
CA LYS A 23 -17.86 -17.17 12.94
C LYS A 23 -16.92 -17.61 11.81
N ARG A 24 -17.41 -17.66 10.57
CA ARG A 24 -16.55 -18.19 9.50
C ARG A 24 -15.52 -17.17 9.03
N LYS A 25 -15.82 -15.88 9.18
CA LYS A 25 -14.82 -14.85 8.89
C LYS A 25 -13.61 -15.00 9.82
N PHE A 26 -13.84 -15.29 11.09
CA PHE A 26 -12.71 -15.51 11.96
C PHE A 26 -11.94 -16.77 11.55
N GLY A 27 -12.65 -17.88 11.29
CA GLY A 27 -11.98 -19.09 10.88
C GLY A 27 -11.13 -18.88 9.64
N LEU A 28 -11.64 -18.09 8.70
CA LEU A 28 -10.88 -17.80 7.48
C LEU A 28 -9.63 -17.00 7.82
N MET A 29 -9.77 -15.99 8.68
CA MET A 29 -8.63 -15.16 9.05
C MET A 29 -7.61 -15.99 9.83
N LYS A 30 -8.10 -16.89 10.69
CA LYS A 30 -7.19 -17.79 11.40
C LYS A 30 -6.43 -18.68 10.44
N LYS A 31 -7.13 -19.25 9.45
CA LYS A 31 -6.42 -20.10 8.49
C LYS A 31 -5.43 -19.27 7.66
N ALA A 32 -5.74 -18.01 7.39
CA ALA A 32 -4.81 -17.18 6.64
C ALA A 32 -3.56 -16.90 7.47
N TYR A 33 -3.75 -16.59 8.75
CA TYR A 33 -2.64 -16.42 9.67
C TYR A 33 -1.76 -17.68 9.72
N GLU A 34 -2.39 -18.86 9.77
CA GLU A 34 -1.60 -20.09 9.80
C GLU A 34 -0.82 -20.29 8.50
N LEU A 35 -1.49 -20.07 7.36
CA LEU A 35 -0.79 -20.20 6.08
C LEU A 35 0.39 -19.24 6.00
N SER A 36 0.17 -17.99 6.39
CA SER A 36 1.26 -17.04 6.26
C SER A 36 2.42 -17.40 7.20
N VAL A 37 2.12 -17.89 8.40
CA VAL A 37 3.20 -18.21 9.34
C VAL A 37 3.89 -19.51 8.93
N LEU A 38 3.11 -20.56 8.66
CA LEU A 38 3.68 -21.86 8.31
C LEU A 38 4.56 -21.76 7.06
N CYS A 39 4.11 -21.01 6.05
CA CYS A 39 4.77 -21.08 4.76
C CYS A 39 5.50 -19.80 4.42
N ASP A 40 5.54 -18.85 5.34
CA ASP A 40 6.34 -17.64 5.19
C ASP A 40 5.86 -16.85 3.97
N CYS A 41 4.54 -16.60 3.89
CA CYS A 41 3.98 -15.88 2.76
C CYS A 41 3.19 -14.67 3.26
N GLU A 42 2.97 -13.70 2.38
CA GLU A 42 2.31 -12.45 2.74
C GLU A 42 0.92 -12.44 2.12
N ILE A 43 -0.08 -12.12 2.92
CA ILE A 43 -1.47 -12.30 2.55
C ILE A 43 -2.23 -11.02 2.84
N ALA A 44 -3.15 -10.67 1.92
CA ALA A 44 -4.15 -9.62 2.11
C ALA A 44 -5.53 -10.20 1.85
N LEU A 45 -6.48 -9.85 2.69
CA LEU A 45 -7.82 -10.41 2.59
C LEU A 45 -8.81 -9.28 2.77
N ILE A 46 -9.61 -9.02 1.72
CA ILE A 46 -10.65 -7.99 1.71
C ILE A 46 -12.01 -8.68 1.73
N ILE A 47 -12.88 -8.26 2.64
CA ILE A 47 -14.24 -8.78 2.72
C ILE A 47 -15.22 -7.61 2.79
N PHE A 48 -16.15 -7.55 1.84
CA PHE A 48 -17.28 -6.62 1.91
C PHE A 48 -18.54 -7.44 2.17
N ASN A 49 -19.24 -7.13 3.25
CA ASN A 49 -20.51 -7.83 3.44
C ASN A 49 -21.58 -7.22 2.54
N SER A 50 -22.80 -7.74 2.64
CA SER A 50 -23.91 -7.28 1.79
C SER A 50 -24.28 -5.82 2.02
N SER A 51 -23.98 -5.25 3.18
CA SER A 51 -24.23 -3.83 3.40
C SER A 51 -23.02 -2.99 3.05
N ASN A 52 -22.11 -3.52 2.22
CA ASN A 52 -20.89 -2.84 1.78
C ASN A 52 -20.02 -2.39 2.95
N LYS A 53 -20.00 -3.14 4.05
CA LYS A 53 -19.07 -2.81 5.13
C LYS A 53 -17.78 -3.63 4.99
N LEU A 54 -16.66 -2.99 5.27
CA LEU A 54 -15.34 -3.55 5.03
C LEU A 54 -14.82 -4.30 6.27
N PHE A 55 -14.24 -5.47 6.02
CA PHE A 55 -13.49 -6.21 7.03
C PHE A 55 -12.21 -6.67 6.35
N GLN A 56 -11.08 -6.53 7.04
CA GLN A 56 -9.82 -6.81 6.38
C GLN A 56 -8.88 -7.56 7.30
N TYR A 57 -8.05 -8.38 6.68
CA TYR A 57 -6.95 -9.04 7.34
C TYR A 57 -5.73 -8.91 6.43
N ALA A 58 -4.57 -8.75 7.04
CA ALA A 58 -3.30 -8.83 6.34
C ALA A 58 -2.29 -9.46 7.29
N SER A 59 -1.47 -10.34 6.75
CA SER A 59 -0.50 -11.02 7.60
C SER A 59 0.42 -10.01 8.27
N THR A 60 0.80 -8.96 7.55
CA THR A 60 1.66 -7.90 8.09
C THR A 60 1.21 -6.50 7.68
N ASP A 61 0.95 -6.29 6.40
CA ASP A 61 0.88 -4.93 5.90
C ASP A 61 -0.07 -4.89 4.69
N MET A 62 -1.34 -4.60 4.97
CA MET A 62 -2.40 -4.60 3.97
C MET A 62 -2.02 -3.87 2.68
N ASP A 63 -1.76 -2.57 2.78
CA ASP A 63 -1.63 -1.79 1.55
C ASP A 63 -0.35 -2.12 0.82
N LYS A 64 0.68 -2.54 1.55
CA LYS A 64 1.91 -3.00 0.89
C LYS A 64 1.61 -4.18 -0.04
N VAL A 65 0.85 -5.16 0.47
CA VAL A 65 0.55 -6.34 -0.34
C VAL A 65 -0.32 -5.95 -1.54
N LEU A 66 -1.37 -5.16 -1.30
CA LEU A 66 -2.22 -4.72 -2.40
C LEU A 66 -1.43 -3.93 -3.42
N LEU A 67 -0.54 -3.05 -2.96
CA LEU A 67 0.23 -2.25 -3.90
C LEU A 67 1.14 -3.14 -4.73
N LYS A 68 1.73 -4.16 -4.09
CA LYS A 68 2.54 -5.08 -4.87
C LYS A 68 1.69 -5.79 -5.90
N TYR A 69 0.48 -6.18 -5.51
CA TYR A 69 -0.44 -6.80 -6.45
C TYR A 69 -0.67 -5.91 -7.69
N THR A 70 -0.94 -4.61 -7.48
CA THR A 70 -1.20 -3.77 -8.66
C THR A 70 -0.01 -3.69 -9.59
N GLU A 71 1.21 -3.89 -9.10
CA GLU A 71 2.40 -3.79 -9.94
C GLU A 71 2.86 -5.14 -10.51
N TYR A 72 2.11 -6.21 -10.26
CA TYR A 72 2.50 -7.54 -10.70
C TYR A 72 1.99 -7.75 -12.12
N SER A 73 2.90 -7.94 -13.07
CA SER A 73 2.49 -8.04 -14.46
C SER A 73 2.56 -9.44 -15.04
N GLU A 74 3.24 -10.37 -14.36
CA GLU A 74 3.34 -11.73 -14.86
C GLU A 74 1.98 -12.45 -14.80
N PRO A 75 1.74 -13.40 -15.68
CA PRO A 75 0.61 -14.32 -15.50
C PRO A 75 0.74 -15.11 -14.20
N HIS A 76 -0.39 -15.27 -13.52
CA HIS A 76 -0.45 -15.82 -12.18
C HIS A 76 -1.79 -16.52 -12.01
N GLU A 77 -1.84 -17.43 -11.06
CA GLU A 77 -3.09 -18.12 -10.76
C GLU A 77 -4.13 -17.13 -10.26
N SER A 78 -5.32 -17.18 -10.83
CA SER A 78 -6.44 -16.35 -10.39
C SER A 78 -7.67 -17.22 -10.29
N ARG A 79 -8.19 -17.37 -9.08
CA ARG A 79 -9.33 -18.24 -8.91
C ARG A 79 -10.57 -17.40 -8.63
N THR A 80 -11.71 -17.91 -9.06
CA THR A 80 -13.02 -17.34 -8.82
C THR A 80 -13.90 -18.42 -8.21
N ASN A 81 -15.11 -18.02 -7.83
CA ASN A 81 -16.07 -18.97 -7.26
C ASN A 81 -16.40 -20.10 -8.24
N THR A 82 -16.56 -19.77 -9.54
CA THR A 82 -16.90 -20.83 -10.50
C THR A 82 -15.72 -21.76 -10.75
N ASP A 83 -14.49 -21.23 -10.79
CA ASP A 83 -13.33 -22.12 -10.80
C ASP A 83 -13.37 -23.11 -9.65
N ILE A 84 -13.58 -22.61 -8.43
CA ILE A 84 -13.47 -23.47 -7.26
C ILE A 84 -14.64 -24.46 -7.24
N LEU A 85 -15.85 -23.98 -7.51
CA LEU A 85 -17.01 -24.88 -7.56
C LEU A 85 -16.81 -25.99 -8.57
N GLU A 86 -16.16 -25.69 -9.70
CA GLU A 86 -15.91 -26.74 -10.69
C GLU A 86 -14.75 -27.64 -10.30
N THR A 87 -13.73 -27.12 -9.60
CA THR A 87 -12.72 -28.01 -9.03
C THR A 87 -13.36 -28.97 -8.03
N LEU A 88 -14.27 -28.46 -7.19
CA LEU A 88 -14.90 -29.29 -6.16
C LEU A 88 -15.83 -30.31 -6.80
N LYS A 89 -16.66 -29.87 -7.74
CA LYS A 89 -17.63 -30.78 -8.37
C LYS A 89 -16.93 -31.95 -9.04
N ARG A 90 -15.84 -31.68 -9.76
CA ARG A 90 -15.16 -32.72 -10.52
C ARG A 90 -14.24 -33.58 -9.65
N ARG A 91 -14.23 -33.34 -8.35
CA ARG A 91 -13.65 -34.27 -7.40
C ARG A 91 -14.75 -35.22 -6.94
N GLU A 92 -14.96 -36.25 -7.74
CA GLU A 92 -15.96 -37.29 -7.47
C GLU A 92 -15.66 -38.55 -8.25
N GLY B 2 -4.67 -33.56 11.05
CA GLY B 2 -3.62 -34.39 10.48
C GLY B 2 -3.18 -35.52 11.38
N ARG B 3 -2.29 -36.38 10.87
CA ARG B 3 -1.75 -37.47 11.68
C ARG B 3 -1.12 -36.93 12.97
N LYS B 4 -0.63 -35.69 12.95
CA LYS B 4 -0.07 -35.04 14.12
C LYS B 4 -0.50 -33.58 14.16
N LYS B 5 -0.63 -33.05 15.36
CA LYS B 5 -0.73 -31.61 15.54
C LYS B 5 0.61 -30.99 15.18
N ILE B 6 0.58 -29.83 14.54
CA ILE B 6 1.81 -29.08 14.23
C ILE B 6 1.73 -27.71 14.87
N GLN B 7 2.86 -27.26 15.39
CA GLN B 7 2.97 -25.91 15.88
C GLN B 7 2.83 -24.90 14.73
N ILE B 8 2.16 -23.78 14.99
CA ILE B 8 2.08 -22.74 13.98
C ILE B 8 3.38 -21.93 14.03
N THR B 9 4.35 -22.39 13.27
CA THR B 9 5.66 -21.74 13.17
C THR B 9 6.18 -22.13 11.81
N ARG B 10 7.14 -21.35 11.31
CA ARG B 10 7.57 -21.52 9.93
C ARG B 10 8.12 -22.93 9.71
N ILE B 11 7.57 -23.62 8.70
CA ILE B 11 8.03 -24.97 8.39
C ILE B 11 9.44 -24.86 7.83
N MET B 12 10.39 -25.55 8.46
CA MET B 12 11.80 -25.41 8.10
C MET B 12 12.19 -26.29 6.90
N ASP B 13 11.62 -27.49 6.78
CA ASP B 13 11.92 -28.31 5.61
C ASP B 13 11.31 -27.68 4.34
N GLU B 14 12.14 -27.50 3.31
CA GLU B 14 11.68 -26.75 2.14
C GLU B 14 10.55 -27.45 1.41
N ARG B 15 10.69 -28.75 1.17
CA ARG B 15 9.68 -29.43 0.39
C ARG B 15 8.35 -29.46 1.13
N ASN B 16 8.40 -29.71 2.44
CA ASN B 16 7.16 -29.75 3.22
C ASN B 16 6.50 -28.38 3.29
N ARG B 17 7.29 -27.31 3.36
CA ARG B 17 6.72 -25.97 3.34
C ARG B 17 5.96 -25.72 2.04
N GLN B 18 6.53 -26.16 0.92
CA GLN B 18 5.91 -25.99 -0.38
C GLN B 18 4.66 -26.86 -0.53
N VAL B 19 4.71 -28.11 -0.07
CA VAL B 19 3.52 -28.98 -0.17
C VAL B 19 2.40 -28.39 0.68
N THR B 20 2.73 -28.02 1.93
CA THR B 20 1.75 -27.42 2.82
C THR B 20 1.16 -26.16 2.22
N PHE B 21 2.01 -25.34 1.61
CA PHE B 21 1.55 -24.12 0.97
C PHE B 21 0.48 -24.42 -0.06
N THR B 22 0.79 -25.34 -0.97
CA THR B 22 -0.16 -25.69 -2.02
C THR B 22 -1.48 -26.17 -1.44
N LYS B 23 -1.43 -27.03 -0.41
CA LYS B 23 -2.68 -27.63 0.09
C LYS B 23 -3.49 -26.63 0.88
N ARG B 24 -2.84 -25.89 1.77
CA ARG B 24 -3.57 -24.94 2.60
C ARG B 24 -4.06 -23.73 1.81
N LYS B 25 -3.32 -23.31 0.78
CA LYS B 25 -3.81 -22.24 -0.08
C LYS B 25 -5.14 -22.66 -0.71
N PHE B 26 -5.23 -23.89 -1.21
CA PHE B 26 -6.51 -24.31 -1.77
C PHE B 26 -7.60 -24.32 -0.69
N GLY B 27 -7.26 -24.80 0.51
CA GLY B 27 -8.27 -24.85 1.57
C GLY B 27 -8.75 -23.48 1.98
N LEU B 28 -7.86 -22.47 1.96
CA LEU B 28 -8.26 -21.11 2.29
C LEU B 28 -9.16 -20.53 1.21
N MET B 29 -8.82 -20.78 -0.06
CA MET B 29 -9.66 -20.29 -1.14
C MET B 29 -11.02 -21.00 -1.15
N LYS B 30 -11.03 -22.29 -0.76
CA LYS B 30 -12.31 -22.98 -0.64
C LYS B 30 -13.18 -22.37 0.45
N LYS B 31 -12.57 -22.06 1.61
CA LYS B 31 -13.33 -21.45 2.69
C LYS B 31 -13.76 -20.03 2.34
N ALA B 32 -12.96 -19.30 1.53
CA ALA B 32 -13.39 -17.99 1.07
C ALA B 32 -14.58 -18.11 0.12
N TYR B 33 -14.50 -19.03 -0.83
CA TYR B 33 -15.63 -19.28 -1.73
C TYR B 33 -16.89 -19.62 -0.94
N GLU B 34 -16.77 -20.50 0.06
CA GLU B 34 -17.93 -20.88 0.86
C GLU B 34 -18.49 -19.68 1.62
N LEU B 35 -17.62 -18.88 2.26
CA LEU B 35 -18.09 -17.71 2.99
C LEU B 35 -18.81 -16.72 2.06
N SER B 36 -18.31 -16.53 0.84
CA SER B 36 -18.93 -15.54 -0.04
C SER B 36 -20.31 -16.00 -0.48
N VAL B 37 -20.48 -17.28 -0.79
CA VAL B 37 -21.80 -17.79 -1.17
C VAL B 37 -22.74 -17.84 0.04
N LEU B 38 -22.31 -18.50 1.14
CA LEU B 38 -23.18 -18.67 2.30
C LEU B 38 -23.67 -17.33 2.82
N CYS B 39 -22.78 -16.35 2.90
CA CYS B 39 -23.12 -15.10 3.56
C CYS B 39 -23.31 -13.94 2.59
N ASP B 40 -23.26 -14.19 1.28
CA ASP B 40 -23.53 -13.15 0.29
C ASP B 40 -22.56 -11.98 0.46
N CYS B 41 -21.26 -12.27 0.35
CA CYS B 41 -20.29 -11.20 0.51
C CYS B 41 -19.30 -11.23 -0.64
N GLU B 42 -18.54 -10.15 -0.76
CA GLU B 42 -17.51 -10.03 -1.78
C GLU B 42 -16.14 -10.22 -1.13
N ILE B 43 -15.34 -11.13 -1.66
CA ILE B 43 -14.07 -11.46 -1.03
C ILE B 43 -12.96 -11.47 -2.06
N ALA B 44 -11.83 -10.86 -1.70
CA ALA B 44 -10.61 -10.86 -2.50
C ALA B 44 -9.46 -11.35 -1.63
N LEU B 45 -8.64 -12.23 -2.19
CA LEU B 45 -7.55 -12.81 -1.45
C LEU B 45 -6.28 -12.71 -2.29
N ILE B 46 -5.23 -12.14 -1.72
CA ILE B 46 -3.96 -11.96 -2.43
C ILE B 46 -2.83 -12.61 -1.63
N ILE B 47 -2.07 -13.48 -2.28
CA ILE B 47 -1.02 -14.23 -1.61
C ILE B 47 0.28 -14.08 -2.40
N PHE B 48 1.34 -13.68 -1.73
CA PHE B 48 2.68 -13.77 -2.29
C PHE B 48 3.43 -14.83 -1.51
N ASN B 49 3.96 -15.83 -2.22
CA ASN B 49 4.79 -16.81 -1.54
C ASN B 49 6.17 -16.20 -1.21
N SER B 50 7.01 -17.00 -0.54
CA SER B 50 8.31 -16.49 -0.13
C SER B 50 9.22 -16.18 -1.32
N SER B 51 8.89 -16.65 -2.51
CA SER B 51 9.62 -16.29 -3.72
C SER B 51 8.99 -15.11 -4.46
N ASN B 52 7.99 -14.46 -3.86
CA ASN B 52 7.29 -13.31 -4.44
C ASN B 52 6.50 -13.66 -5.70
N LYS B 53 6.02 -14.90 -5.80
CA LYS B 53 5.06 -15.25 -6.84
C LYS B 53 3.65 -14.97 -6.33
N LEU B 54 2.79 -14.51 -7.22
CA LEU B 54 1.45 -14.06 -6.83
C LEU B 54 0.42 -15.18 -6.99
N PHE B 55 -0.46 -15.29 -6.00
CA PHE B 55 -1.63 -16.15 -6.14
C PHE B 55 -2.85 -15.36 -5.66
N GLN B 56 -3.89 -15.33 -6.48
CA GLN B 56 -5.04 -14.47 -6.25
C GLN B 56 -6.31 -15.30 -6.28
N TYR B 57 -7.28 -14.91 -5.45
CA TYR B 57 -8.66 -15.39 -5.56
C TYR B 57 -9.60 -14.21 -5.37
N ALA B 58 -10.77 -14.28 -5.99
CA ALA B 58 -11.79 -13.26 -5.78
C ALA B 58 -13.14 -13.88 -6.07
N SER B 59 -14.13 -13.53 -5.25
CA SER B 59 -15.46 -14.13 -5.42
C SER B 59 -16.13 -13.63 -6.69
N THR B 60 -15.99 -12.34 -6.99
CA THR B 60 -16.17 -11.80 -8.34
C THR B 60 -15.03 -10.82 -8.58
N ASP B 61 -15.20 -9.94 -9.57
CA ASP B 61 -14.19 -9.02 -10.11
C ASP B 61 -13.20 -8.45 -9.10
N MET B 62 -11.95 -8.88 -9.19
CA MET B 62 -10.91 -8.36 -8.30
C MET B 62 -10.79 -6.85 -8.39
N ASP B 63 -10.81 -6.29 -9.60
CA ASP B 63 -10.56 -4.87 -9.75
C ASP B 63 -11.64 -4.03 -9.07
N LYS B 64 -12.91 -4.46 -9.14
CA LYS B 64 -13.93 -3.66 -8.49
C LYS B 64 -13.79 -3.71 -6.98
N VAL B 65 -13.44 -4.88 -6.41
CA VAL B 65 -13.27 -4.97 -4.97
C VAL B 65 -12.08 -4.14 -4.52
N LEU B 66 -11.00 -4.16 -5.29
CA LEU B 66 -9.83 -3.34 -4.97
C LEU B 66 -10.21 -1.86 -5.00
N LEU B 67 -10.90 -1.43 -6.06
CA LEU B 67 -11.35 -0.04 -6.18
C LEU B 67 -12.18 0.36 -4.96
N LYS B 68 -13.19 -0.46 -4.64
CA LYS B 68 -14.05 -0.15 -3.52
C LYS B 68 -13.27 -0.15 -2.22
N TYR B 69 -12.20 -0.94 -2.14
CA TYR B 69 -11.40 -0.92 -0.93
C TYR B 69 -10.67 0.43 -0.79
N THR B 70 -10.07 0.92 -1.87
CA THR B 70 -9.33 2.17 -1.78
C THR B 70 -10.24 3.39 -1.58
N GLU B 71 -11.55 3.24 -1.70
CA GLU B 71 -12.50 4.32 -1.48
C GLU B 71 -13.11 4.27 -0.09
N TYR B 72 -12.82 3.26 0.70
CA TYR B 72 -13.45 3.14 1.99
C TYR B 72 -12.86 4.18 2.93
N SER B 73 -13.72 4.84 3.70
CA SER B 73 -13.28 5.90 4.59
C SER B 73 -13.68 5.70 6.04
N GLU B 74 -14.61 4.81 6.33
CA GLU B 74 -15.01 4.62 7.71
C GLU B 74 -14.05 3.64 8.39
N PRO B 75 -13.98 3.68 9.72
CA PRO B 75 -13.19 2.68 10.44
C PRO B 75 -13.83 1.31 10.32
N HIS B 76 -12.98 0.28 10.40
CA HIS B 76 -13.43 -1.08 10.13
C HIS B 76 -12.50 -2.07 10.83
N GLU B 77 -12.98 -3.29 10.99
CA GLU B 77 -12.14 -4.36 11.52
C GLU B 77 -10.90 -4.53 10.65
N SER B 78 -9.73 -4.47 11.28
CA SER B 78 -8.46 -4.56 10.56
C SER B 78 -7.56 -5.47 11.38
N ARG B 79 -7.45 -6.73 10.96
CA ARG B 79 -6.68 -7.67 11.73
C ARG B 79 -5.35 -7.94 11.02
N THR B 80 -4.34 -8.28 11.84
CA THR B 80 -3.05 -8.77 11.39
C THR B 80 -2.68 -10.01 12.18
N ASN B 81 -1.55 -10.63 11.81
CA ASN B 81 -1.08 -11.81 12.52
C ASN B 81 -0.91 -11.54 14.01
N THR B 82 -0.32 -10.39 14.36
CA THR B 82 -0.11 -10.08 15.77
C THR B 82 -1.43 -10.04 16.55
N ASP B 83 -2.47 -9.37 16.02
CA ASP B 83 -3.76 -9.38 16.71
C ASP B 83 -4.33 -10.78 16.79
N ILE B 84 -4.27 -11.52 15.68
CA ILE B 84 -4.83 -12.88 15.68
C ILE B 84 -4.12 -13.74 16.71
N LEU B 85 -2.78 -13.67 16.73
CA LEU B 85 -2.03 -14.44 17.72
C LEU B 85 -2.45 -14.08 19.12
N GLU B 86 -2.68 -12.79 19.38
CA GLU B 86 -3.12 -12.39 20.73
C GLU B 86 -4.53 -12.92 21.01
N THR B 87 -5.42 -12.90 20.01
CA THR B 87 -6.75 -13.46 20.20
C THR B 87 -6.71 -14.94 20.52
N LEU B 88 -5.86 -15.70 19.81
CA LEU B 88 -5.77 -17.13 20.05
C LEU B 88 -5.14 -17.43 21.40
N LYS B 89 -4.23 -16.57 21.88
CA LYS B 89 -3.63 -16.79 23.19
C LYS B 89 -4.67 -16.67 24.30
N ARG B 90 -5.62 -15.74 24.15
CA ARG B 90 -6.66 -15.61 25.17
C ARG B 90 -7.68 -16.75 25.13
N ARG B 91 -7.83 -17.43 23.99
CA ARG B 91 -8.83 -18.50 23.90
C ARG B 91 -8.28 -19.88 24.29
N GLU B 92 -6.97 -20.07 24.28
CA GLU B 92 -6.37 -21.38 24.57
C GLU B 92 -5.75 -21.44 25.95
N GLY C 2 23.89 29.40 -0.24
CA GLY C 2 25.10 28.80 -0.76
C GLY C 2 26.23 29.79 -0.93
N ARG C 3 27.45 29.40 -0.55
CA ARG C 3 28.60 30.29 -0.69
C ARG C 3 28.78 30.71 -2.14
N LYS C 4 28.56 29.80 -3.08
CA LYS C 4 28.47 30.11 -4.50
C LYS C 4 27.11 29.66 -5.03
N LYS C 5 26.77 30.11 -6.23
CA LYS C 5 25.58 29.62 -6.90
C LYS C 5 25.92 28.32 -7.62
N ILE C 6 25.05 27.33 -7.47
CA ILE C 6 25.27 26.04 -8.10
C ILE C 6 24.57 26.02 -9.45
N GLN C 7 25.19 25.32 -10.41
CA GLN C 7 24.55 25.01 -11.68
C GLN C 7 23.82 23.68 -11.56
N ILE C 8 22.61 23.63 -12.08
CA ILE C 8 21.83 22.40 -12.01
C ILE C 8 22.42 21.39 -12.98
N THR C 9 23.54 20.80 -12.59
CA THR C 9 24.21 19.76 -13.34
C THR C 9 24.47 18.58 -12.41
N ARG C 10 24.62 17.40 -13.00
CA ARG C 10 24.92 16.19 -12.26
C ARG C 10 26.33 16.28 -11.69
N ILE C 11 26.44 16.50 -10.38
CA ILE C 11 27.74 16.66 -9.75
C ILE C 11 28.43 15.29 -9.76
N MET C 12 29.53 15.21 -10.52
CA MET C 12 30.20 13.92 -10.72
C MET C 12 31.07 13.53 -9.54
N ASP C 13 31.63 14.49 -8.80
CA ASP C 13 32.47 14.18 -7.65
C ASP C 13 31.70 13.30 -6.67
N GLU C 14 32.23 12.10 -6.44
CA GLU C 14 31.47 11.00 -5.88
C GLU C 14 31.13 11.19 -4.40
N ARG C 15 31.77 12.15 -3.72
CA ARG C 15 31.42 12.40 -2.32
C ARG C 15 30.57 13.64 -2.14
N ASN C 16 30.93 14.76 -2.78
CA ASN C 16 30.08 15.94 -2.66
C ASN C 16 28.70 15.72 -3.28
N ARG C 17 28.55 14.70 -4.13
CA ARG C 17 27.21 14.29 -4.55
C ARG C 17 26.42 13.73 -3.38
N GLN C 18 26.95 12.66 -2.76
CA GLN C 18 26.31 12.07 -1.59
C GLN C 18 26.11 13.10 -0.49
N VAL C 19 27.07 14.02 -0.35
CA VAL C 19 26.97 15.08 0.65
C VAL C 19 25.75 15.95 0.39
N THR C 20 25.69 16.56 -0.79
CA THR C 20 24.60 17.47 -1.11
C THR C 20 23.27 16.73 -1.19
N PHE C 21 23.30 15.47 -1.62
CA PHE C 21 22.09 14.65 -1.59
C PHE C 21 21.47 14.64 -0.19
N THR C 22 22.29 14.38 0.83
CA THR C 22 21.78 14.25 2.20
C THR C 22 21.18 15.56 2.70
N LYS C 23 21.89 16.67 2.52
CA LYS C 23 21.31 17.97 2.88
C LYS C 23 20.00 18.19 2.15
N ARG C 24 20.02 18.06 0.82
CA ARG C 24 18.83 18.34 0.05
C ARG C 24 17.71 17.32 0.31
N LYS C 25 18.07 16.05 0.56
CA LYS C 25 17.05 15.04 0.85
C LYS C 25 16.20 15.44 2.06
N PHE C 26 16.86 15.90 3.13
CA PHE C 26 16.10 16.27 4.31
C PHE C 26 15.26 17.52 4.07
N GLY C 27 15.83 18.53 3.42
CA GLY C 27 15.09 19.76 3.20
C GLY C 27 13.84 19.54 2.35
N LEU C 28 13.94 18.66 1.35
CA LEU C 28 12.77 18.30 0.56
C LEU C 28 11.69 17.69 1.42
N MET C 29 12.07 16.76 2.31
CA MET C 29 11.10 16.15 3.23
C MET C 29 10.56 17.19 4.19
N LYS C 30 11.46 17.97 4.78
CA LYS C 30 11.08 19.12 5.59
C LYS C 30 9.97 19.90 4.91
N LYS C 31 10.22 20.35 3.67
CA LYS C 31 9.20 21.10 2.95
C LYS C 31 7.95 20.25 2.68
N ALA C 32 8.14 18.97 2.30
CA ALA C 32 6.99 18.11 2.08
C ALA C 32 6.13 18.05 3.34
N TYR C 33 6.77 17.85 4.50
CA TYR C 33 6.08 17.93 5.77
C TYR C 33 5.32 19.24 5.90
N GLU C 34 6.03 20.37 5.75
CA GLU C 34 5.38 21.66 5.89
C GLU C 34 4.17 21.77 4.96
N LEU C 35 4.28 21.27 3.73
CA LEU C 35 3.15 21.40 2.82
C LEU C 35 1.96 20.55 3.29
N SER C 36 2.22 19.30 3.68
CA SER C 36 1.13 18.40 4.06
C SER C 36 0.32 18.96 5.22
N VAL C 37 0.99 19.60 6.18
CA VAL C 37 0.30 20.14 7.35
C VAL C 37 -0.47 21.40 7.00
N LEU C 38 0.20 22.37 6.38
CA LEU C 38 -0.37 23.71 6.21
C LEU C 38 -1.68 23.70 5.44
N CYS C 39 -1.82 22.80 4.45
CA CYS C 39 -3.03 22.77 3.64
C CYS C 39 -3.81 21.48 3.78
N ASP C 40 -3.38 20.58 4.65
CA ASP C 40 -4.05 19.31 4.89
C ASP C 40 -4.23 18.55 3.57
N CYS C 41 -3.17 17.87 3.13
CA CYS C 41 -3.19 17.06 1.93
C CYS C 41 -2.28 15.84 2.11
N GLU C 42 -2.68 14.72 1.52
CA GLU C 42 -1.88 13.50 1.58
C GLU C 42 -0.72 13.55 0.59
N ILE C 43 0.46 13.20 1.05
CA ILE C 43 1.67 13.23 0.23
C ILE C 43 2.44 11.93 0.37
N ALA C 44 2.93 11.41 -0.76
CA ALA C 44 3.92 10.34 -0.76
C ALA C 44 5.12 10.78 -1.58
N LEU C 45 6.31 10.39 -1.13
CA LEU C 45 7.56 10.83 -1.76
C LEU C 45 8.55 9.67 -1.78
N ILE C 46 8.97 9.29 -2.98
CA ILE C 46 9.90 8.20 -3.19
C ILE C 46 11.17 8.77 -3.78
N ILE C 47 12.31 8.49 -3.14
CA ILE C 47 13.62 8.91 -3.64
C ILE C 47 14.52 7.69 -3.73
N PHE C 48 15.06 7.44 -4.93
CA PHE C 48 16.10 6.45 -5.16
C PHE C 48 17.38 7.21 -5.48
N ASN C 49 18.44 7.00 -4.69
CA ASN C 49 19.66 7.74 -4.98
C ASN C 49 20.39 7.09 -6.15
N SER C 50 21.54 7.65 -6.51
CA SER C 50 22.30 7.14 -7.65
C SER C 50 22.73 5.70 -7.47
N SER C 51 22.77 5.20 -6.23
CA SER C 51 23.15 3.82 -5.96
C SER C 51 21.94 2.92 -5.76
N ASN C 52 20.75 3.35 -6.20
CA ASN C 52 19.52 2.58 -6.11
C ASN C 52 19.09 2.29 -4.67
N LYS C 53 19.48 3.16 -3.73
CA LYS C 53 19.00 3.02 -2.37
C LYS C 53 17.78 3.91 -2.17
N LEU C 54 16.80 3.37 -1.45
CA LEU C 54 15.48 3.98 -1.30
C LEU C 54 15.39 4.81 -0.03
N PHE C 55 14.68 5.94 -0.13
CA PHE C 55 14.33 6.80 0.98
C PHE C 55 12.90 7.24 0.72
N GLN C 56 12.06 7.23 1.73
CA GLN C 56 10.67 7.56 1.50
C GLN C 56 10.17 8.51 2.57
N TYR C 57 9.07 9.17 2.25
CA TYR C 57 8.35 10.06 3.16
C TYR C 57 6.88 9.95 2.79
N ALA C 58 6.02 9.88 3.79
CA ALA C 58 4.61 10.01 3.56
C ALA C 58 4.02 10.84 4.67
N SER C 59 3.00 11.63 4.35
CA SER C 59 2.35 12.43 5.39
C SER C 59 1.87 11.52 6.51
N THR C 60 1.12 10.48 6.16
CA THR C 60 0.79 9.46 7.15
C THR C 60 1.11 8.04 6.65
N ASP C 61 0.40 7.57 5.62
CA ASP C 61 0.40 6.16 5.23
C ASP C 61 0.88 6.02 3.79
N MET C 62 2.14 5.60 3.63
CA MET C 62 2.77 5.59 2.31
C MET C 62 2.02 4.70 1.30
N ASP C 63 1.86 3.41 1.61
CA ASP C 63 1.32 2.52 0.60
C ASP C 63 -0.17 2.75 0.35
N LYS C 64 -0.89 3.25 1.35
CA LYS C 64 -2.26 3.65 1.11
C LYS C 64 -2.34 4.79 0.09
N VAL C 65 -1.42 5.76 0.20
CA VAL C 65 -1.41 6.86 -0.76
C VAL C 65 -1.02 6.37 -2.14
N LEU C 66 0.03 5.55 -2.22
CA LEU C 66 0.44 5.02 -3.52
C LEU C 66 -0.65 4.18 -4.13
N LEU C 67 -1.37 3.42 -3.29
CA LEU C 67 -2.43 2.55 -3.80
C LEU C 67 -3.58 3.36 -4.37
N LYS C 68 -3.95 4.44 -3.68
CA LYS C 68 -4.97 5.34 -4.19
C LYS C 68 -4.53 5.91 -5.53
N TYR C 69 -3.23 6.17 -5.68
CA TYR C 69 -2.71 6.67 -6.94
C TYR C 69 -2.94 5.67 -8.06
N THR C 70 -2.65 4.39 -7.83
CA THR C 70 -2.76 3.40 -8.88
C THR C 70 -4.19 3.22 -9.37
N GLU C 71 -5.18 3.66 -8.58
CA GLU C 71 -6.57 3.51 -8.92
C GLU C 71 -7.20 4.79 -9.45
N TYR C 72 -6.48 5.90 -9.40
CA TYR C 72 -7.00 7.17 -9.90
C TYR C 72 -7.07 7.13 -11.42
N SER C 73 -8.27 7.34 -11.96
CA SER C 73 -8.49 7.26 -13.40
C SER C 73 -8.66 8.63 -14.06
N GLU C 74 -9.07 9.64 -13.30
CA GLU C 74 -9.34 10.95 -13.88
C GLU C 74 -8.05 11.65 -14.30
N PRO C 75 -8.12 12.49 -15.35
CA PRO C 75 -6.95 13.31 -15.73
C PRO C 75 -6.53 14.27 -14.63
N HIS C 76 -5.23 14.60 -14.62
CA HIS C 76 -4.62 15.27 -13.46
C HIS C 76 -3.26 15.83 -13.85
N GLU C 77 -2.82 16.82 -13.08
CA GLU C 77 -1.50 17.40 -13.25
C GLU C 77 -0.40 16.34 -13.16
N SER C 78 0.54 16.34 -14.12
CA SER C 78 1.63 15.36 -14.12
C SER C 78 2.89 16.02 -14.70
N ARG C 79 3.73 16.53 -13.81
CA ARG C 79 4.91 17.27 -14.24
C ARG C 79 6.14 16.38 -14.24
N THR C 80 7.00 16.62 -15.20
CA THR C 80 8.34 16.03 -15.24
C THR C 80 9.35 17.16 -15.08
N ASN C 81 10.63 16.83 -15.23
CA ASN C 81 11.66 17.84 -15.08
C ASN C 81 11.54 18.93 -16.14
N THR C 82 11.18 18.54 -17.38
CA THR C 82 11.10 19.51 -18.46
C THR C 82 9.95 20.50 -18.28
N ASP C 83 8.77 20.03 -17.84
CA ASP C 83 7.72 20.96 -17.46
C ASP C 83 8.24 21.99 -16.47
N ILE C 84 9.13 21.54 -15.57
CA ILE C 84 9.65 22.41 -14.52
C ILE C 84 10.65 23.40 -15.10
N LEU C 85 11.65 22.90 -15.83
CA LEU C 85 12.67 23.79 -16.38
C LEU C 85 12.06 24.80 -17.35
N GLU C 86 11.09 24.37 -18.15
CA GLU C 86 10.44 25.29 -19.09
C GLU C 86 9.52 26.26 -18.37
N THR C 87 8.76 25.79 -17.37
CA THR C 87 7.99 26.75 -16.58
C THR C 87 8.88 27.69 -15.78
N LEU C 88 10.17 27.40 -15.67
CA LEU C 88 11.13 28.25 -14.97
C LEU C 88 11.70 29.33 -15.89
N LYS C 89 12.26 28.90 -17.04
CA LYS C 89 12.76 29.83 -18.04
C LYS C 89 11.70 30.83 -18.48
N ARG C 90 10.41 30.47 -18.36
CA ARG C 90 9.32 31.39 -18.62
C ARG C 90 9.30 32.58 -17.65
N ARG C 91 9.83 32.40 -16.44
CA ARG C 91 9.84 33.46 -15.45
C ARG C 91 11.11 34.32 -15.51
N GLU C 92 11.91 34.16 -16.55
CA GLU C 92 13.08 35.01 -16.77
C GLU C 92 13.19 35.41 -18.24
N GLY D 2 9.87 34.63 4.42
CA GLY D 2 9.36 35.78 3.70
C GLY D 2 8.52 36.72 4.54
N ARG D 3 8.95 37.99 4.64
CA ARG D 3 8.19 39.03 5.32
C ARG D 3 7.88 38.70 6.78
N LYS D 4 7.20 37.57 7.01
CA LYS D 4 6.87 37.11 8.35
C LYS D 4 7.02 35.59 8.39
N LYS D 5 7.63 35.08 9.47
CA LYS D 5 7.74 33.65 9.66
C LYS D 5 6.43 33.08 10.20
N ILE D 6 5.92 32.04 9.56
CA ILE D 6 4.66 31.44 9.97
C ILE D 6 4.96 30.06 10.55
N GLN D 7 4.06 29.61 11.42
CA GLN D 7 4.14 28.30 12.02
C GLN D 7 3.56 27.24 11.08
N ILE D 8 3.93 25.99 11.34
CA ILE D 8 3.49 24.86 10.52
C ILE D 8 2.25 24.25 11.16
N THR D 9 1.14 24.97 11.10
CA THR D 9 -0.13 24.51 11.64
C THR D 9 -1.17 24.51 10.53
N ARG D 10 -2.26 23.78 10.76
CA ARG D 10 -3.34 23.72 9.78
C ARG D 10 -3.95 25.11 9.57
N ILE D 11 -4.20 25.45 8.31
CA ILE D 11 -4.73 26.77 7.93
C ILE D 11 -6.23 26.64 7.70
N MET D 12 -7.02 27.31 8.54
CA MET D 12 -8.47 27.23 8.44
C MET D 12 -9.07 28.24 7.47
N ASP D 13 -8.41 29.39 7.25
CA ASP D 13 -8.86 30.28 6.18
C ASP D 13 -8.56 29.61 4.83
N GLU D 14 -9.55 29.57 3.96
CA GLU D 14 -9.39 28.71 2.79
C GLU D 14 -8.50 29.38 1.75
N ARG D 15 -8.71 30.68 1.54
CA ARG D 15 -7.98 31.47 0.57
C ARG D 15 -6.48 31.21 0.58
N ASN D 16 -5.84 31.40 1.75
CA ASN D 16 -4.37 31.37 1.77
C ASN D 16 -3.83 29.96 1.77
N ARG D 17 -4.55 28.99 2.34
CA ARG D 17 -4.11 27.61 2.18
C ARG D 17 -4.16 27.17 0.72
N GLN D 18 -5.12 27.72 -0.05
CA GLN D 18 -5.21 27.38 -1.47
C GLN D 18 -4.03 27.94 -2.25
N VAL D 19 -3.62 29.17 -1.95
CA VAL D 19 -2.55 29.80 -2.70
C VAL D 19 -1.19 29.36 -2.20
N THR D 20 -1.03 29.19 -0.88
CA THR D 20 0.15 28.52 -0.36
C THR D 20 0.28 27.13 -0.99
N PHE D 21 -0.83 26.40 -1.09
CA PHE D 21 -0.82 25.08 -1.72
C PHE D 21 -0.15 25.14 -3.09
N THR D 22 -0.68 25.99 -3.98
CA THR D 22 -0.16 26.08 -5.34
C THR D 22 1.29 26.55 -5.39
N LYS D 23 1.67 27.46 -4.49
CA LYS D 23 3.04 27.97 -4.50
C LYS D 23 4.02 26.94 -3.93
N ARG D 24 3.72 26.37 -2.75
CA ARG D 24 4.65 25.42 -2.16
C ARG D 24 4.70 24.11 -2.92
N LYS D 25 3.55 23.64 -3.44
CA LYS D 25 3.57 22.54 -4.41
C LYS D 25 4.59 22.80 -5.50
N PHE D 26 4.53 23.99 -6.10
CA PHE D 26 5.50 24.32 -7.13
C PHE D 26 6.91 24.37 -6.55
N GLY D 27 7.08 25.03 -5.41
CA GLY D 27 8.37 25.01 -4.75
C GLY D 27 8.83 23.60 -4.41
N LEU D 28 7.91 22.77 -3.92
CA LEU D 28 8.23 21.37 -3.62
C LEU D 28 8.74 20.64 -4.86
N MET D 29 7.98 20.72 -5.96
CA MET D 29 8.38 20.09 -7.20
C MET D 29 9.70 20.68 -7.71
N LYS D 30 9.85 22.00 -7.60
CA LYS D 30 11.12 22.66 -7.90
C LYS D 30 12.27 21.93 -7.21
N LYS D 31 12.19 21.87 -5.87
CA LYS D 31 13.24 21.23 -5.10
C LYS D 31 13.48 19.79 -5.53
N ALA D 32 12.40 19.06 -5.84
CA ALA D 32 12.57 17.67 -6.26
C ALA D 32 13.29 17.58 -7.59
N TYR D 33 12.97 18.49 -8.52
CA TYR D 33 13.69 18.54 -9.78
C TYR D 33 15.19 18.74 -9.56
N GLU D 34 15.56 19.77 -8.80
CA GLU D 34 16.98 20.06 -8.64
C GLU D 34 17.71 18.90 -7.99
N LEU D 35 17.14 18.32 -6.93
CA LEU D 35 17.77 17.16 -6.32
C LEU D 35 17.93 16.01 -7.31
N SER D 36 16.92 15.81 -8.17
CA SER D 36 17.03 14.72 -9.13
C SER D 36 18.19 14.93 -10.10
N VAL D 37 18.44 16.18 -10.48
CA VAL D 37 19.49 16.44 -11.47
C VAL D 37 20.87 16.46 -10.81
N LEU D 38 20.99 17.11 -9.64
CA LEU D 38 22.28 17.25 -8.98
C LEU D 38 22.85 15.91 -8.54
N CYS D 39 21.99 15.00 -8.09
CA CYS D 39 22.48 13.78 -7.44
C CYS D 39 22.05 12.51 -8.17
N ASP D 40 21.57 12.64 -9.41
CA ASP D 40 21.19 11.48 -10.23
C ASP D 40 20.26 10.55 -9.45
N CYS D 41 19.26 11.13 -8.80
CA CYS D 41 18.28 10.37 -8.06
C CYS D 41 16.92 10.40 -8.75
N GLU D 42 16.30 9.23 -8.90
CA GLU D 42 14.94 9.13 -9.40
C GLU D 42 13.96 9.46 -8.28
N ILE D 43 13.12 10.46 -8.50
CA ILE D 43 12.15 10.93 -7.50
C ILE D 43 10.75 10.81 -8.06
N ALA D 44 9.79 10.48 -7.19
CA ALA D 44 8.37 10.58 -7.50
C ALA D 44 7.66 11.22 -6.32
N LEU D 45 6.81 12.19 -6.61
CA LEU D 45 6.06 12.91 -5.60
C LEU D 45 4.58 12.83 -5.93
N ILE D 46 3.77 12.39 -4.98
CA ILE D 46 2.34 12.17 -5.19
C ILE D 46 1.57 12.96 -4.14
N ILE D 47 0.64 13.81 -4.60
CA ILE D 47 -0.08 14.73 -3.72
C ILE D 47 -1.57 14.59 -3.97
N PHE D 48 -2.32 14.31 -2.91
CA PHE D 48 -3.79 14.29 -2.94
C PHE D 48 -4.26 15.44 -2.08
N ASN D 49 -4.80 16.49 -2.70
CA ASN D 49 -5.25 17.63 -1.90
C ASN D 49 -6.50 17.25 -1.08
N SER D 50 -6.84 18.14 -0.14
CA SER D 50 -7.98 17.97 0.76
C SER D 50 -9.20 17.41 0.05
N SER D 51 -9.41 17.80 -1.22
CA SER D 51 -10.56 17.36 -2.00
C SER D 51 -10.27 16.11 -2.82
N ASN D 52 -9.24 15.34 -2.46
CA ASN D 52 -8.90 14.08 -3.13
C ASN D 52 -8.58 14.28 -4.61
N LYS D 53 -7.94 15.40 -4.94
CA LYS D 53 -7.45 15.65 -6.28
C LYS D 53 -5.99 15.27 -6.37
N LEU D 54 -5.62 14.57 -7.44
CA LEU D 54 -4.27 14.05 -7.60
C LEU D 54 -3.38 15.05 -8.34
N PHE D 55 -2.16 15.23 -7.82
CA PHE D 55 -1.09 15.97 -8.50
C PHE D 55 0.18 15.16 -8.36
N GLN D 56 0.91 14.97 -9.45
CA GLN D 56 2.10 14.15 -9.41
C GLN D 56 3.27 14.84 -10.09
N TYR D 57 4.45 14.59 -9.56
CA TYR D 57 5.70 14.93 -10.20
C TYR D 57 6.57 13.70 -10.16
N ALA D 58 7.39 13.54 -11.20
CA ALA D 58 8.33 12.44 -11.24
C ALA D 58 9.47 12.84 -12.15
N SER D 59 10.69 12.70 -11.65
CA SER D 59 11.88 12.99 -12.44
C SER D 59 12.05 12.00 -13.57
N THR D 60 11.29 10.92 -13.55
CA THR D 60 11.41 9.86 -14.53
C THR D 60 10.08 9.13 -14.55
N ASP D 61 10.00 8.10 -15.37
CA ASP D 61 8.77 7.36 -15.56
C ASP D 61 8.15 6.94 -14.22
N MET D 62 6.93 7.42 -13.96
CA MET D 62 6.33 7.20 -12.65
C MET D 62 6.10 5.71 -12.40
N ASP D 63 5.62 4.99 -13.41
CA ASP D 63 5.28 3.60 -13.20
C ASP D 63 6.49 2.73 -12.92
N LYS D 64 7.63 3.03 -13.53
CA LYS D 64 8.82 2.22 -13.28
C LYS D 64 9.41 2.53 -11.89
N VAL D 65 9.21 3.76 -11.40
CA VAL D 65 9.64 4.06 -10.03
C VAL D 65 8.73 3.38 -9.02
N LEU D 66 7.43 3.29 -9.31
CA LEU D 66 6.54 2.57 -8.41
C LEU D 66 6.90 1.10 -8.35
N LEU D 67 7.12 0.51 -9.54
CA LEU D 67 7.53 -0.88 -9.63
C LEU D 67 8.78 -1.13 -8.83
N LYS D 68 9.82 -0.33 -9.07
CA LYS D 68 11.05 -0.41 -8.31
C LYS D 68 10.79 -0.31 -6.81
N TYR D 69 9.91 0.61 -6.41
CA TYR D 69 9.57 0.75 -5.01
C TYR D 69 8.92 -0.53 -4.48
N THR D 70 8.02 -1.13 -5.24
CA THR D 70 7.32 -2.31 -4.75
C THR D 70 8.26 -3.51 -4.63
N GLU D 71 9.38 -3.50 -5.35
CA GLU D 71 10.37 -4.58 -5.36
C GLU D 71 11.50 -4.37 -4.37
N TYR D 72 11.48 -3.30 -3.58
CA TYR D 72 12.56 -3.05 -2.66
C TYR D 72 12.39 -3.90 -1.41
N SER D 73 13.43 -4.65 -1.07
CA SER D 73 13.37 -5.56 0.08
C SER D 73 14.14 -5.06 1.30
N GLU D 74 15.17 -4.24 1.13
CA GLU D 74 16.00 -3.81 2.25
C GLU D 74 15.25 -2.85 3.17
N PRO D 75 15.69 -2.76 4.43
CA PRO D 75 15.25 -1.63 5.27
C PRO D 75 15.87 -0.35 4.78
N HIS D 76 15.20 0.77 5.10
CA HIS D 76 15.49 2.05 4.46
C HIS D 76 14.80 3.13 5.27
N GLU D 77 15.29 4.35 5.11
CA GLU D 77 14.68 5.48 5.81
C GLU D 77 13.24 5.63 5.36
N SER D 78 12.33 5.70 6.32
CA SER D 78 10.92 5.91 6.05
C SER D 78 10.44 6.93 7.05
N ARG D 79 10.19 8.13 6.59
CA ARG D 79 9.73 9.21 7.44
C ARG D 79 8.24 9.40 7.25
N THR D 80 7.57 9.75 8.33
CA THR D 80 6.20 10.23 8.30
C THR D 80 6.20 11.64 8.88
N ASN D 81 5.01 12.24 9.00
CA ASN D 81 4.96 13.58 9.57
C ASN D 81 5.41 13.58 11.02
N THR D 82 5.16 12.49 11.76
CA THR D 82 5.63 12.39 13.13
C THR D 82 7.16 12.43 13.19
N ASP D 83 7.82 11.53 12.48
CA ASP D 83 9.28 11.49 12.46
C ASP D 83 9.87 12.88 12.21
N ILE D 84 9.33 13.57 11.20
CA ILE D 84 9.81 14.91 10.87
C ILE D 84 9.52 15.86 12.04
N LEU D 85 8.27 15.89 12.49
CA LEU D 85 7.88 16.83 13.54
C LEU D 85 8.75 16.68 14.78
N GLU D 86 9.10 15.44 15.17
CA GLU D 86 9.93 15.26 16.35
C GLU D 86 11.42 15.42 16.05
N THR D 87 11.84 15.16 14.80
CA THR D 87 13.22 15.45 14.44
C THR D 87 13.48 16.95 14.51
N LEU D 88 12.47 17.74 14.14
CA LEU D 88 12.51 19.20 14.18
C LEU D 88 12.12 19.65 15.58
N LYS D 89 13.12 19.72 16.45
CA LYS D 89 13.00 20.36 17.75
C LYS D 89 14.41 20.74 18.21
N ARG D 90 14.94 21.81 17.63
CA ARG D 90 16.34 22.20 17.80
C ARG D 90 16.51 23.65 18.24
#